data_5EKX
#
_entry.id   5EKX
#
_cell.length_a   60.999
_cell.length_b   183.704
_cell.length_c   51.493
_cell.angle_alpha   90.00
_cell.angle_beta   90.00
_cell.angle_gamma   90.00
#
_symmetry.space_group_name_H-M   'P 21 21 2'
#
loop_
_entity.id
_entity.type
_entity.pdbx_description
1 polymer 'NS5 METHYLTRANSFERASE'
2 non-polymer S-ADENOSYLMETHIONINE
3 non-polymer 4-chloro-5-methylbenzene-1,2-diamine
4 water water
#
_entity_poly.entity_id   1
_entity_poly.type   'polypeptide(L)'
_entity_poly.pdbx_seq_one_letter_code
;GTGSQGETLGEKWKKKLNQLSRKEFDLYKKSGITEVDRTEAKEGLKRGETTHHAVSRGSAKLQWFVERNMVIPEGRVIDL
GCGRGGWSYYCAGLKKVTEVRGYTKGGPGHEEPVPMSTYGWNIVKLMSGKDVFYLPPEKCDTLLCDIGESSPSPTVEESR
TIRVLKMVEPWLKNNQFCIKVLNPYMPTVIEHLERLQRKHGGMLVRNPLSRNSTHEMYWISNGTGNIVSSVNMVSRLLLN
RFTMTHRRPTIEKDVDLGAGTRHVNAEPETPNMDVI
;
_entity_poly.pdbx_strand_id   A,B
#
# COMPACT_ATOMS: atom_id res chain seq x y z
N GLU A 7 2.47 -31.59 -5.63
CA GLU A 7 1.58 -30.85 -6.52
C GLU A 7 0.12 -30.98 -6.08
N THR A 8 -0.55 -29.82 -5.95
CA THR A 8 -1.92 -29.72 -5.46
C THR A 8 -2.93 -30.13 -6.54
N LEU A 9 -4.16 -30.47 -6.10
CA LEU A 9 -5.29 -30.79 -6.96
C LEU A 9 -5.56 -29.57 -7.85
N GLY A 10 -5.45 -28.36 -7.27
CA GLY A 10 -5.68 -27.12 -7.98
C GLY A 10 -4.69 -26.90 -9.11
N GLU A 11 -3.44 -27.30 -8.91
CA GLU A 11 -2.39 -27.17 -9.92
C GLU A 11 -2.69 -28.10 -11.12
N LYS A 12 -3.25 -29.29 -10.83
CA LYS A 12 -3.68 -30.27 -11.83
C LYS A 12 -4.84 -29.71 -12.64
N TRP A 13 -5.77 -28.99 -11.95
CA TRP A 13 -6.91 -28.36 -12.60
C TRP A 13 -6.41 -27.27 -13.59
N LYS A 14 -5.46 -26.46 -13.13
CA LYS A 14 -4.89 -25.37 -13.92
C LYS A 14 -4.21 -25.91 -15.20
N LYS A 15 -3.43 -27.00 -15.08
CA LYS A 15 -2.77 -27.61 -16.24
C LYS A 15 -3.83 -28.03 -17.27
N LYS A 16 -4.89 -28.70 -16.80
CA LYS A 16 -5.99 -29.15 -17.63
C LYS A 16 -6.70 -27.98 -18.30
N LEU A 17 -6.97 -26.89 -17.54
CA LEU A 17 -7.67 -25.73 -18.08
C LEU A 17 -6.83 -25.12 -19.22
N ASN A 18 -5.50 -25.03 -19.01
CA ASN A 18 -4.55 -24.49 -20.01
C ASN A 18 -4.45 -25.31 -21.29
N GLN A 19 -4.75 -26.61 -21.23
CA GLN A 19 -4.71 -27.53 -22.37
C GLN A 19 -5.96 -27.41 -23.25
N LEU A 20 -7.03 -26.72 -22.77
CA LEU A 20 -8.25 -26.63 -23.57
C LEU A 20 -8.13 -25.70 -24.76
N SER A 21 -8.82 -26.07 -25.85
CA SER A 21 -8.91 -25.23 -27.05
C SER A 21 -9.91 -24.12 -26.67
N ARG A 22 -10.00 -23.05 -27.45
CA ARG A 22 -10.97 -21.98 -27.12
C ARG A 22 -12.40 -22.55 -27.09
N LYS A 23 -12.73 -23.48 -28.03
CA LYS A 23 -14.08 -24.10 -28.06
C LYS A 23 -14.38 -24.85 -26.74
N GLU A 24 -13.46 -25.74 -26.33
CA GLU A 24 -13.54 -26.50 -25.07
C GLU A 24 -13.62 -25.60 -23.82
N PHE A 25 -12.83 -24.53 -23.77
CA PHE A 25 -12.76 -23.56 -22.67
C PHE A 25 -14.11 -22.85 -22.52
N ASP A 26 -14.69 -22.41 -23.65
CA ASP A 26 -15.97 -21.70 -23.68
C ASP A 26 -17.14 -22.57 -23.17
N LEU A 27 -17.11 -23.87 -23.47
CA LEU A 27 -18.15 -24.79 -22.99
C LEU A 27 -17.91 -25.06 -21.50
N TYR A 28 -16.64 -25.28 -21.12
CA TYR A 28 -16.24 -25.59 -19.74
C TYR A 28 -16.53 -24.51 -18.71
N LYS A 29 -16.15 -23.26 -18.98
CA LYS A 29 -16.23 -22.14 -18.06
C LYS A 29 -17.60 -21.91 -17.40
N LYS A 30 -18.72 -22.25 -18.07
CA LYS A 30 -20.05 -22.04 -17.47
C LYS A 30 -20.76 -23.35 -17.16
N SER A 31 -20.11 -24.51 -17.41
CA SER A 31 -20.76 -25.81 -17.17
C SER A 31 -21.18 -25.99 -15.70
N GLY A 32 -22.48 -26.12 -15.45
CA GLY A 32 -23.03 -26.36 -14.13
C GLY A 32 -22.99 -25.19 -13.16
N ILE A 33 -22.60 -23.99 -13.61
CA ILE A 33 -22.50 -22.83 -12.70
C ILE A 33 -23.85 -22.17 -12.56
N THR A 34 -23.94 -21.21 -11.65
CA THR A 34 -25.17 -20.42 -11.54
C THR A 34 -24.82 -19.07 -12.15
N GLU A 35 -25.75 -18.49 -12.91
CA GLU A 35 -25.56 -17.15 -13.46
C GLU A 35 -26.85 -16.40 -13.52
N VAL A 36 -26.75 -15.08 -13.37
CA VAL A 36 -27.90 -14.17 -13.48
C VAL A 36 -28.10 -13.80 -14.93
N ASP A 37 -29.35 -13.57 -15.30
CA ASP A 37 -29.72 -13.17 -16.66
C ASP A 37 -29.52 -11.67 -16.72
N ARG A 38 -28.47 -11.24 -17.40
CA ARG A 38 -28.12 -9.83 -17.57
C ARG A 38 -28.79 -9.16 -18.78
N THR A 39 -29.68 -9.88 -19.52
CA THR A 39 -30.30 -9.37 -20.76
C THR A 39 -30.97 -8.00 -20.57
N GLU A 40 -31.92 -7.90 -19.61
CA GLU A 40 -32.63 -6.63 -19.35
C GLU A 40 -31.70 -5.52 -18.88
N ALA A 41 -30.74 -5.83 -17.97
CA ALA A 41 -29.77 -4.86 -17.45
C ALA A 41 -28.81 -4.36 -18.51
N LYS A 42 -28.26 -5.28 -19.35
CA LYS A 42 -27.40 -4.83 -20.45
C LYS A 42 -28.16 -3.89 -21.41
N GLU A 43 -29.44 -4.21 -21.74
CA GLU A 43 -30.25 -3.38 -22.64
C GLU A 43 -30.54 -1.99 -22.05
N GLY A 44 -30.91 -1.94 -20.77
CA GLY A 44 -31.19 -0.69 -20.05
C GLY A 44 -29.95 0.17 -19.87
N LEU A 45 -28.78 -0.47 -19.63
CA LEU A 45 -27.51 0.26 -19.46
C LEU A 45 -27.05 0.86 -20.80
N LYS A 46 -27.22 0.10 -21.91
CA LYS A 46 -26.91 0.48 -23.29
C LYS A 46 -27.69 1.74 -23.70
N ARG A 47 -28.94 1.87 -23.21
CA ARG A 47 -29.87 2.99 -23.42
C ARG A 47 -29.67 4.17 -22.40
N GLY A 48 -28.72 4.02 -21.48
CA GLY A 48 -28.37 5.04 -20.50
C GLY A 48 -29.27 5.14 -19.28
N GLU A 49 -29.99 4.03 -18.94
CA GLU A 49 -30.87 3.99 -17.78
C GLU A 49 -30.08 3.93 -16.49
N THR A 50 -30.45 4.75 -15.48
CA THR A 50 -29.69 4.84 -14.23
C THR A 50 -30.39 4.29 -12.99
N THR A 51 -31.60 3.75 -13.15
CA THR A 51 -32.32 3.17 -12.03
C THR A 51 -32.51 1.67 -12.23
N HIS A 52 -32.70 0.93 -11.12
CA HIS A 52 -33.00 -0.49 -11.04
C HIS A 52 -31.83 -1.41 -11.42
N HIS A 53 -31.15 -1.16 -12.54
CA HIS A 53 -30.10 -2.04 -13.02
C HIS A 53 -28.84 -2.09 -12.18
N ALA A 54 -28.25 -3.29 -12.08
CA ALA A 54 -26.95 -3.47 -11.47
C ALA A 54 -26.00 -3.19 -12.64
N VAL A 55 -24.88 -2.46 -12.38
CA VAL A 55 -23.91 -2.10 -13.41
C VAL A 55 -23.07 -3.28 -13.90
N SER A 56 -23.08 -4.39 -13.16
CA SER A 56 -22.27 -5.56 -13.53
C SER A 56 -22.86 -6.80 -12.88
N ARG A 57 -22.26 -7.98 -13.14
CA ARG A 57 -22.66 -9.24 -12.47
C ARG A 57 -22.26 -9.27 -11.00
N GLY A 58 -21.41 -8.32 -10.62
CA GLY A 58 -20.87 -8.19 -9.27
C GLY A 58 -21.93 -8.00 -8.21
N SER A 59 -23.00 -7.18 -8.47
CA SER A 59 -24.06 -6.96 -7.47
C SER A 59 -24.68 -8.24 -7.03
N ALA A 60 -25.06 -9.11 -7.98
CA ALA A 60 -25.62 -10.40 -7.63
C ALA A 60 -24.58 -11.30 -6.89
N LYS A 61 -23.30 -11.22 -7.28
CA LYS A 61 -22.24 -12.04 -6.68
C LYS A 61 -22.08 -11.71 -5.20
N LEU A 62 -22.06 -10.42 -4.87
CA LEU A 62 -21.95 -10.02 -3.46
C LEU A 62 -23.27 -10.31 -2.74
N GLN A 63 -24.41 -10.06 -3.40
CA GLN A 63 -25.72 -10.36 -2.79
C GLN A 63 -25.78 -11.83 -2.33
N TRP A 64 -25.17 -12.76 -3.08
CA TRP A 64 -25.18 -14.18 -2.71
C TRP A 64 -24.61 -14.37 -1.30
N PHE A 65 -23.46 -13.72 -1.02
CA PHE A 65 -22.83 -13.75 0.30
C PHE A 65 -23.66 -13.03 1.38
N VAL A 66 -24.16 -11.83 1.08
CA VAL A 66 -24.91 -10.98 2.00
C VAL A 66 -26.21 -11.66 2.46
N GLU A 67 -26.93 -12.25 1.51
CA GLU A 67 -28.15 -13.00 1.82
C GLU A 67 -27.96 -14.21 2.71
N ARG A 68 -26.74 -14.72 2.78
CA ARG A 68 -26.39 -15.88 3.60
C ARG A 68 -25.64 -15.48 4.88
N ASN A 69 -25.61 -14.17 5.16
CA ASN A 69 -24.98 -13.57 6.35
C ASN A 69 -23.46 -13.85 6.48
N MET A 70 -22.81 -14.17 5.35
CA MET A 70 -21.37 -14.43 5.26
C MET A 70 -20.58 -13.14 5.43
N VAL A 71 -21.16 -12.02 5.02
CA VAL A 71 -20.65 -10.67 5.25
C VAL A 71 -21.87 -9.83 5.44
N ILE A 72 -21.84 -8.99 6.47
CA ILE A 72 -22.97 -8.15 6.78
C ILE A 72 -22.50 -6.69 6.67
N PRO A 73 -22.67 -6.09 5.48
CA PRO A 73 -22.22 -4.70 5.28
C PRO A 73 -22.92 -3.73 6.24
N GLU A 74 -22.14 -2.84 6.82
CA GLU A 74 -22.62 -1.87 7.80
C GLU A 74 -21.70 -0.66 7.86
N GLY A 75 -22.24 0.46 8.31
CA GLY A 75 -21.51 1.70 8.49
C GLY A 75 -20.76 2.15 7.26
N ARG A 76 -19.50 2.47 7.44
CA ARG A 76 -18.60 2.93 6.38
C ARG A 76 -18.04 1.71 5.66
N VAL A 77 -18.41 1.54 4.38
CA VAL A 77 -17.96 0.42 3.55
C VAL A 77 -16.84 0.92 2.62
N ILE A 78 -15.72 0.20 2.56
CA ILE A 78 -14.61 0.49 1.63
C ILE A 78 -14.66 -0.62 0.59
N ASP A 79 -14.75 -0.26 -0.71
CA ASP A 79 -14.79 -1.23 -1.80
C ASP A 79 -13.56 -1.08 -2.68
N LEU A 80 -12.56 -1.97 -2.46
CA LEU A 80 -11.28 -1.98 -3.19
C LEU A 80 -11.42 -2.76 -4.49
N GLY A 81 -11.05 -2.11 -5.59
CA GLY A 81 -11.20 -2.63 -6.93
C GLY A 81 -12.66 -2.60 -7.30
N CYS A 82 -13.30 -1.40 -7.15
CA CYS A 82 -14.74 -1.30 -7.36
C CYS A 82 -15.18 -1.46 -8.80
N GLY A 83 -14.29 -1.23 -9.77
CA GLY A 83 -14.66 -1.33 -11.18
C GLY A 83 -15.82 -0.39 -11.50
N ARG A 84 -16.84 -0.94 -12.15
CA ARG A 84 -18.05 -0.20 -12.54
C ARG A 84 -18.88 0.23 -11.32
N GLY A 85 -18.75 -0.53 -10.24
CA GLY A 85 -19.39 -0.23 -8.96
C GLY A 85 -20.43 -1.23 -8.49
N GLY A 86 -20.45 -2.43 -9.04
CA GLY A 86 -21.44 -3.45 -8.66
C GLY A 86 -21.59 -3.75 -7.18
N TRP A 87 -20.47 -3.88 -6.46
CA TRP A 87 -20.55 -4.13 -5.02
C TRP A 87 -20.99 -2.88 -4.26
N SER A 88 -20.47 -1.73 -4.65
CA SER A 88 -20.79 -0.43 -4.03
C SER A 88 -22.23 -0.05 -4.13
N TYR A 89 -22.82 -0.15 -5.34
CA TYR A 89 -24.23 0.20 -5.48
C TYR A 89 -25.15 -0.78 -4.78
N TYR A 90 -24.73 -2.07 -4.69
CA TYR A 90 -25.50 -3.04 -3.95
C TYR A 90 -25.47 -2.66 -2.44
N CYS A 91 -24.25 -2.41 -1.87
CA CYS A 91 -24.16 -2.04 -0.44
C CYS A 91 -24.88 -0.77 -0.09
N ALA A 92 -24.91 0.17 -1.05
CA ALA A 92 -25.58 1.48 -0.85
C ALA A 92 -27.05 1.33 -0.49
N GLY A 93 -27.70 0.26 -0.97
CA GLY A 93 -29.11 0.02 -0.65
C GLY A 93 -29.40 -0.68 0.67
N LEU A 94 -28.35 -1.15 1.38
CA LEU A 94 -28.53 -1.93 2.61
C LEU A 94 -28.79 -1.08 3.86
N LYS A 95 -29.78 -1.46 4.70
CA LYS A 95 -30.21 -0.68 5.86
C LYS A 95 -29.08 -0.18 6.80
N LYS A 96 -28.14 -1.05 7.17
CA LYS A 96 -27.04 -0.77 8.10
C LYS A 96 -25.88 0.06 7.54
N VAL A 97 -25.79 0.17 6.22
CA VAL A 97 -24.73 0.89 5.51
C VAL A 97 -25.04 2.37 5.54
N THR A 98 -24.03 3.20 5.86
CA THR A 98 -24.21 4.66 5.95
C THR A 98 -23.38 5.41 4.93
N GLU A 99 -22.29 4.77 4.47
CA GLU A 99 -21.37 5.37 3.50
C GLU A 99 -20.66 4.31 2.70
N VAL A 100 -20.48 4.55 1.38
CA VAL A 100 -19.78 3.59 0.55
C VAL A 100 -18.68 4.33 -0.21
N ARG A 101 -17.43 3.84 -0.07
N ARG A 101 -17.46 3.85 -0.06
CA ARG A 101 -16.25 4.44 -0.74
CA ARG A 101 -16.29 4.42 -0.74
C ARG A 101 -15.50 3.43 -1.62
C ARG A 101 -15.65 3.35 -1.62
N GLY A 102 -15.60 3.58 -2.93
CA GLY A 102 -15.02 2.66 -3.90
C GLY A 102 -13.74 3.23 -4.51
N TYR A 103 -12.71 2.40 -4.62
CA TYR A 103 -11.45 2.82 -5.24
C TYR A 103 -11.17 1.87 -6.38
N THR A 104 -10.82 2.37 -7.58
CA THR A 104 -10.48 1.51 -8.72
C THR A 104 -9.40 2.13 -9.58
N LYS A 105 -8.65 1.28 -10.26
CA LYS A 105 -7.53 1.73 -11.09
C LYS A 105 -7.97 2.51 -12.33
N GLY A 106 -8.95 2.00 -13.09
CA GLY A 106 -9.38 2.64 -14.32
C GLY A 106 -8.24 2.70 -15.33
N GLY A 107 -8.40 3.45 -16.40
CA GLY A 107 -7.41 3.52 -17.47
C GLY A 107 -7.45 2.30 -18.39
N PRO A 108 -6.53 2.24 -19.36
CA PRO A 108 -6.46 1.06 -20.24
C PRO A 108 -6.35 -0.24 -19.49
N GLY A 109 -7.16 -1.21 -19.92
CA GLY A 109 -7.26 -2.54 -19.33
C GLY A 109 -8.11 -2.64 -18.09
N HIS A 110 -8.71 -1.50 -17.68
CA HIS A 110 -9.51 -1.45 -16.46
C HIS A 110 -10.86 -0.79 -16.65
N GLU A 111 -11.88 -1.22 -15.87
CA GLU A 111 -13.20 -0.62 -15.95
C GLU A 111 -13.25 0.70 -15.20
N GLU A 112 -14.09 1.60 -15.68
CA GLU A 112 -14.30 2.88 -15.02
C GLU A 112 -15.62 2.84 -14.19
N PRO A 113 -15.72 3.55 -13.04
CA PRO A 113 -17.00 3.63 -12.30
C PRO A 113 -18.11 4.17 -13.18
N VAL A 114 -19.31 3.56 -13.08
CA VAL A 114 -20.48 3.97 -13.86
C VAL A 114 -21.37 4.77 -12.91
N PRO A 115 -21.74 6.03 -13.22
CA PRO A 115 -22.64 6.78 -12.31
C PRO A 115 -24.04 6.22 -12.40
N MET A 116 -24.66 5.94 -11.26
CA MET A 116 -26.03 5.40 -11.20
C MET A 116 -26.92 6.19 -10.25
N SER A 117 -28.24 5.95 -10.36
CA SER A 117 -29.28 6.58 -9.55
C SER A 117 -30.13 5.50 -8.87
N THR A 118 -29.50 4.33 -8.61
CA THR A 118 -30.11 3.19 -7.91
C THR A 118 -30.31 3.57 -6.44
N TYR A 119 -31.06 2.79 -5.69
CA TYR A 119 -31.37 3.11 -4.29
C TYR A 119 -30.13 3.33 -3.43
N GLY A 120 -30.08 4.51 -2.80
CA GLY A 120 -28.98 4.93 -1.95
C GLY A 120 -27.73 5.44 -2.63
N TRP A 121 -27.82 5.77 -3.95
CA TRP A 121 -26.70 6.30 -4.74
C TRP A 121 -25.98 7.48 -4.08
N ASN A 122 -26.72 8.31 -3.30
CA ASN A 122 -26.17 9.52 -2.68
C ASN A 122 -25.09 9.25 -1.61
N ILE A 123 -25.05 8.04 -1.05
CA ILE A 123 -24.06 7.70 -0.03
C ILE A 123 -22.82 7.02 -0.66
N VAL A 124 -22.79 6.93 -2.00
CA VAL A 124 -21.69 6.32 -2.74
C VAL A 124 -20.73 7.35 -3.34
N LYS A 125 -19.43 7.11 -3.18
CA LYS A 125 -18.40 7.88 -3.86
C LYS A 125 -17.43 6.86 -4.44
N LEU A 126 -17.35 6.81 -5.78
CA LEU A 126 -16.45 5.91 -6.49
C LEU A 126 -15.30 6.76 -7.04
N MET A 127 -14.06 6.32 -6.82
CA MET A 127 -12.88 7.06 -7.30
C MET A 127 -12.05 6.19 -8.22
N SER A 128 -11.80 6.69 -9.42
CA SER A 128 -10.98 5.99 -10.36
C SER A 128 -9.55 6.59 -10.28
N GLY A 129 -8.58 5.97 -10.96
CA GLY A 129 -7.19 6.43 -10.95
C GLY A 129 -6.56 6.18 -9.60
N LYS A 130 -7.02 5.12 -8.90
CA LYS A 130 -6.54 4.77 -7.56
C LYS A 130 -6.00 3.34 -7.55
N ASP A 131 -4.67 3.19 -7.59
CA ASP A 131 -4.05 1.87 -7.49
C ASP A 131 -4.03 1.57 -5.98
N VAL A 132 -4.82 0.57 -5.52
CA VAL A 132 -4.93 0.27 -4.09
C VAL A 132 -3.59 -0.16 -3.43
N PHE A 133 -2.61 -0.62 -4.23
CA PHE A 133 -1.28 -0.98 -3.69
C PHE A 133 -0.45 0.24 -3.25
N TYR A 134 -0.95 1.45 -3.50
CA TYR A 134 -0.29 2.70 -3.07
C TYR A 134 -1.21 3.52 -2.19
N LEU A 135 -2.27 2.90 -1.81
CA LEU A 135 -3.24 3.59 -1.02
C LEU A 135 -2.97 3.37 0.47
N PRO A 136 -2.95 4.42 1.32
CA PRO A 136 -2.82 4.18 2.77
C PRO A 136 -4.15 3.63 3.33
N PRO A 137 -4.12 2.74 4.35
CA PRO A 137 -5.38 2.22 4.91
C PRO A 137 -6.18 3.30 5.61
N GLU A 138 -7.51 3.18 5.50
CA GLU A 138 -8.52 4.08 6.06
C GLU A 138 -9.38 3.29 7.03
N LYS A 139 -9.94 3.97 8.04
CA LYS A 139 -10.87 3.41 9.04
C LYS A 139 -12.15 3.01 8.32
N CYS A 140 -12.69 1.80 8.61
CA CYS A 140 -13.95 1.39 7.99
C CYS A 140 -14.58 0.25 8.78
N ASP A 141 -15.91 0.12 8.67
CA ASP A 141 -16.69 -0.93 9.34
C ASP A 141 -16.85 -2.17 8.45
N THR A 142 -16.70 -2.01 7.12
CA THR A 142 -16.79 -3.07 6.12
C THR A 142 -15.69 -2.89 5.10
N LEU A 143 -14.89 -3.94 4.89
CA LEU A 143 -13.81 -3.90 3.90
C LEU A 143 -14.12 -4.93 2.83
N LEU A 144 -14.32 -4.44 1.61
CA LEU A 144 -14.58 -5.32 0.45
C LEU A 144 -13.40 -5.23 -0.48
N CYS A 145 -13.00 -6.35 -1.08
CA CYS A 145 -11.91 -6.36 -2.06
C CYS A 145 -12.19 -7.41 -3.10
N ASP A 146 -12.26 -6.99 -4.38
CA ASP A 146 -12.56 -7.93 -5.47
C ASP A 146 -11.45 -7.95 -6.50
N ILE A 147 -10.22 -7.70 -6.06
CA ILE A 147 -9.04 -7.63 -6.93
C ILE A 147 -8.39 -9.00 -7.09
N GLY A 148 -7.94 -9.30 -8.29
CA GLY A 148 -7.24 -10.54 -8.58
C GLY A 148 -7.41 -10.92 -10.03
N GLU A 149 -6.44 -10.55 -10.87
CA GLU A 149 -6.50 -10.79 -12.30
C GLU A 149 -6.03 -12.19 -12.64
N SER A 150 -6.90 -12.97 -13.29
CA SER A 150 -6.54 -14.33 -13.77
C SER A 150 -5.35 -14.32 -14.75
N SER A 151 -4.61 -15.44 -14.78
CA SER A 151 -3.44 -15.57 -15.64
C SER A 151 -3.31 -17.03 -15.96
N PRO A 152 -2.84 -17.42 -17.17
CA PRO A 152 -2.58 -18.86 -17.45
C PRO A 152 -1.48 -19.42 -16.54
N SER A 153 -0.63 -18.53 -15.97
CA SER A 153 0.48 -18.95 -15.10
C SER A 153 -0.03 -19.04 -13.66
N PRO A 154 0.04 -20.22 -12.98
CA PRO A 154 -0.40 -20.25 -11.56
C PRO A 154 0.56 -19.50 -10.64
N THR A 155 1.88 -19.43 -10.99
CA THR A 155 2.91 -18.69 -10.23
C THR A 155 2.62 -17.17 -10.27
N VAL A 156 2.14 -16.64 -11.43
CA VAL A 156 1.71 -15.26 -11.56
C VAL A 156 0.48 -15.05 -10.65
N GLU A 157 -0.51 -15.97 -10.71
CA GLU A 157 -1.70 -15.83 -9.86
C GLU A 157 -1.38 -15.92 -8.37
N GLU A 158 -0.44 -16.80 -7.99
CA GLU A 158 0.06 -16.99 -6.61
C GLU A 158 0.65 -15.64 -6.11
N SER A 159 1.53 -15.02 -6.93
CA SER A 159 2.12 -13.71 -6.64
C SER A 159 1.04 -12.65 -6.49
N ARG A 160 0.05 -12.57 -7.43
CA ARG A 160 -1.05 -11.59 -7.35
C ARG A 160 -1.92 -11.78 -6.11
N THR A 161 -2.17 -13.02 -5.73
CA THR A 161 -3.02 -13.32 -4.55
C THR A 161 -2.35 -12.90 -3.25
N ILE A 162 -1.09 -13.33 -3.04
CA ILE A 162 -0.27 -12.96 -1.87
C ILE A 162 -0.20 -11.42 -1.74
N ARG A 163 -0.04 -10.72 -2.86
CA ARG A 163 0.08 -9.27 -2.91
C ARG A 163 -1.18 -8.64 -2.37
N VAL A 164 -2.36 -9.07 -2.84
CA VAL A 164 -3.67 -8.63 -2.35
C VAL A 164 -3.81 -8.95 -0.83
N LEU A 165 -3.44 -10.17 -0.41
CA LEU A 165 -3.53 -10.58 1.01
C LEU A 165 -2.66 -9.74 1.93
N LYS A 166 -1.46 -9.39 1.47
CA LYS A 166 -0.59 -8.50 2.27
C LYS A 166 -1.13 -7.05 2.30
N MET A 167 -1.74 -6.58 1.19
CA MET A 167 -2.31 -5.23 1.04
C MET A 167 -3.54 -5.05 1.93
N VAL A 168 -4.45 -6.04 1.96
CA VAL A 168 -5.69 -5.91 2.73
C VAL A 168 -5.48 -5.96 4.24
N GLU A 169 -4.45 -6.67 4.75
CA GLU A 169 -4.30 -6.87 6.20
C GLU A 169 -4.40 -5.56 7.04
N PRO A 170 -3.65 -4.48 6.72
CA PRO A 170 -3.78 -3.26 7.52
C PRO A 170 -5.15 -2.59 7.47
N TRP A 171 -6.02 -3.01 6.54
CA TRP A 171 -7.37 -2.48 6.44
C TRP A 171 -8.31 -3.22 7.41
N LEU A 172 -7.87 -4.39 7.89
CA LEU A 172 -8.65 -5.29 8.76
C LEU A 172 -8.41 -5.06 10.24
N LYS A 173 -9.44 -4.54 10.92
CA LYS A 173 -9.46 -4.23 12.36
C LYS A 173 -10.83 -4.55 12.93
N ASN A 174 -11.09 -5.83 13.27
CA ASN A 174 -12.36 -6.32 13.84
C ASN A 174 -13.60 -5.81 13.07
N ASN A 175 -13.48 -5.75 11.75
CA ASN A 175 -14.57 -5.28 10.91
C ASN A 175 -15.11 -6.39 10.00
N GLN A 176 -16.20 -6.10 9.31
CA GLN A 176 -16.80 -7.04 8.36
C GLN A 176 -15.95 -7.05 7.12
N PHE A 177 -15.83 -8.22 6.44
CA PHE A 177 -15.02 -8.24 5.23
C PHE A 177 -15.43 -9.34 4.25
N CYS A 178 -15.02 -9.15 2.99
CA CYS A 178 -15.24 -10.05 1.86
C CYS A 178 -14.17 -9.75 0.86
N ILE A 179 -13.21 -10.68 0.73
CA ILE A 179 -12.00 -10.44 -0.05
C ILE A 179 -11.80 -11.56 -1.00
N LYS A 180 -11.63 -11.24 -2.30
CA LYS A 180 -11.35 -12.27 -3.29
C LYS A 180 -9.98 -12.89 -3.10
N VAL A 181 -9.92 -14.22 -3.12
CA VAL A 181 -8.64 -14.94 -3.10
C VAL A 181 -8.54 -15.62 -4.46
N LEU A 182 -7.84 -14.98 -5.41
CA LEU A 182 -7.74 -15.41 -6.81
C LEU A 182 -7.29 -16.86 -6.96
N ASN A 183 -6.19 -17.22 -6.33
CA ASN A 183 -5.59 -18.56 -6.42
C ASN A 183 -5.38 -19.00 -4.97
N PRO A 184 -6.37 -19.69 -4.39
CA PRO A 184 -6.27 -20.09 -2.98
C PRO A 184 -5.59 -21.45 -2.79
N TYR A 185 -5.19 -22.15 -3.87
CA TYR A 185 -4.65 -23.53 -3.80
C TYR A 185 -3.14 -23.67 -3.72
N MET A 186 -2.38 -22.61 -4.01
CA MET A 186 -0.92 -22.69 -3.95
C MET A 186 -0.49 -22.79 -2.48
N PRO A 187 0.43 -23.73 -2.14
CA PRO A 187 0.84 -23.89 -0.72
C PRO A 187 1.24 -22.62 0.04
N THR A 188 1.91 -21.66 -0.63
CA THR A 188 2.32 -20.40 0.03
C THR A 188 1.09 -19.53 0.33
N VAL A 189 0.04 -19.58 -0.55
CA VAL A 189 -1.20 -18.83 -0.30
C VAL A 189 -1.91 -19.41 0.91
N ILE A 190 -1.98 -20.76 1.00
CA ILE A 190 -2.67 -21.48 2.07
C ILE A 190 -2.04 -21.10 3.42
N GLU A 191 -0.71 -21.00 3.46
CA GLU A 191 0.06 -20.59 4.64
C GLU A 191 -0.34 -19.18 5.11
N HIS A 192 -0.43 -18.22 4.17
CA HIS A 192 -0.85 -16.84 4.44
C HIS A 192 -2.31 -16.83 4.95
N LEU A 193 -3.21 -17.56 4.28
CA LEU A 193 -4.63 -17.66 4.67
C LEU A 193 -4.79 -18.24 6.08
N GLU A 194 -4.03 -19.30 6.40
CA GLU A 194 -4.07 -19.93 7.72
C GLU A 194 -3.64 -18.94 8.81
N ARG A 195 -2.62 -18.11 8.51
CA ARG A 195 -2.08 -17.10 9.44
C ARG A 195 -3.15 -16.02 9.60
N LEU A 196 -3.70 -15.55 8.48
CA LEU A 196 -4.72 -14.52 8.48
C LEU A 196 -6.00 -14.95 9.22
N GLN A 197 -6.45 -16.20 9.02
CA GLN A 197 -7.64 -16.75 9.69
C GLN A 197 -7.42 -16.92 11.21
N ARG A 198 -6.19 -17.22 11.66
CA ARG A 198 -5.85 -17.33 13.07
C ARG A 198 -6.00 -15.97 13.78
N LYS A 199 -5.75 -14.87 13.07
CA LYS A 199 -5.78 -13.50 13.59
C LYS A 199 -7.14 -12.81 13.45
N HIS A 200 -7.73 -12.84 12.25
CA HIS A 200 -8.95 -12.14 11.88
C HIS A 200 -10.17 -13.04 11.72
N GLY A 201 -9.99 -14.34 11.86
CA GLY A 201 -11.08 -15.31 11.75
C GLY A 201 -11.61 -15.44 10.33
N GLY A 202 -12.88 -15.74 10.23
CA GLY A 202 -13.52 -15.89 8.93
C GLY A 202 -13.25 -17.22 8.27
N MET A 203 -13.72 -17.33 7.00
CA MET A 203 -13.62 -18.58 6.24
C MET A 203 -13.59 -18.32 4.75
N LEU A 204 -13.06 -19.31 4.00
CA LEU A 204 -12.96 -19.26 2.53
C LEU A 204 -14.19 -19.95 1.97
N VAL A 205 -14.89 -19.26 1.05
CA VAL A 205 -16.17 -19.79 0.51
C VAL A 205 -16.13 -19.68 -1.01
N ARG A 206 -16.62 -20.72 -1.66
CA ARG A 206 -16.78 -20.74 -3.11
C ARG A 206 -18.16 -20.19 -3.48
N ASN A 207 -18.17 -19.13 -4.35
CA ASN A 207 -19.43 -18.54 -4.76
C ASN A 207 -19.95 -19.31 -6.01
N PRO A 208 -21.22 -19.83 -6.01
CA PRO A 208 -21.69 -20.61 -7.18
C PRO A 208 -21.81 -19.81 -8.49
N LEU A 209 -21.73 -18.47 -8.39
CA LEU A 209 -21.74 -17.55 -9.54
C LEU A 209 -20.37 -17.41 -10.17
N SER A 210 -19.35 -17.99 -9.53
CA SER A 210 -18.01 -17.94 -10.13
C SER A 210 -17.96 -18.92 -11.31
N ARG A 211 -17.20 -18.54 -12.37
CA ARG A 211 -17.03 -19.44 -13.52
C ARG A 211 -16.07 -20.57 -13.18
N ASN A 212 -16.11 -21.71 -13.90
CA ASN A 212 -15.16 -22.82 -13.66
C ASN A 212 -13.72 -22.54 -14.09
N SER A 213 -13.54 -21.50 -14.88
CA SER A 213 -12.28 -21.03 -15.44
C SER A 213 -11.44 -20.27 -14.38
N THR A 214 -11.96 -20.09 -13.18
CA THR A 214 -11.27 -19.46 -12.06
C THR A 214 -11.42 -20.32 -10.83
N HIS A 215 -10.36 -20.42 -10.03
CA HIS A 215 -10.48 -21.17 -8.76
C HIS A 215 -10.73 -20.18 -7.60
N GLU A 216 -11.18 -18.97 -7.92
CA GLU A 216 -11.34 -17.94 -6.91
C GLU A 216 -12.28 -18.33 -5.79
N MET A 217 -11.91 -18.01 -4.58
CA MET A 217 -12.77 -18.21 -3.41
C MET A 217 -12.77 -16.86 -2.66
N TYR A 218 -13.69 -16.66 -1.74
CA TYR A 218 -13.71 -15.36 -1.06
C TYR A 218 -13.54 -15.57 0.42
N TRP A 219 -12.65 -14.77 1.02
CA TRP A 219 -12.44 -14.83 2.44
C TRP A 219 -13.48 -13.87 3.05
N ILE A 220 -14.49 -14.47 3.72
CA ILE A 220 -15.62 -13.76 4.36
C ILE A 220 -15.45 -13.74 5.89
N SER A 221 -15.88 -12.66 6.57
CA SER A 221 -15.65 -12.50 7.99
C SER A 221 -16.50 -13.39 8.89
N ASN A 222 -17.68 -13.75 8.44
CA ASN A 222 -18.59 -14.50 9.33
C ASN A 222 -18.60 -15.99 9.02
N GLY A 223 -17.60 -16.68 9.53
CA GLY A 223 -17.51 -18.11 9.34
C GLY A 223 -16.27 -18.70 9.97
N THR A 224 -16.23 -20.03 10.02
CA THR A 224 -15.10 -20.78 10.52
C THR A 224 -15.00 -21.98 9.63
N GLY A 225 -13.92 -22.72 9.75
CA GLY A 225 -13.77 -23.93 8.96
C GLY A 225 -12.36 -24.17 8.50
N ASN A 226 -12.13 -25.36 7.96
CA ASN A 226 -10.82 -25.79 7.48
C ASN A 226 -10.59 -25.25 6.09
N ILE A 227 -9.62 -24.31 5.96
CA ILE A 227 -9.26 -23.69 4.68
C ILE A 227 -8.86 -24.75 3.67
N VAL A 228 -7.95 -25.64 4.07
CA VAL A 228 -7.42 -26.71 3.19
C VAL A 228 -8.55 -27.58 2.61
N SER A 229 -9.50 -28.03 3.48
CA SER A 229 -10.62 -28.85 3.04
C SER A 229 -11.54 -28.09 2.08
N SER A 230 -11.88 -26.83 2.39
CA SER A 230 -12.73 -26.04 1.50
C SER A 230 -12.08 -25.85 0.14
N VAL A 231 -10.73 -25.63 0.12
CA VAL A 231 -9.97 -25.44 -1.13
C VAL A 231 -9.97 -26.71 -1.98
N ASN A 232 -9.63 -27.87 -1.35
CA ASN A 232 -9.62 -29.16 -2.04
C ASN A 232 -10.99 -29.58 -2.60
N MET A 233 -12.09 -29.24 -1.89
CA MET A 233 -13.46 -29.47 -2.31
C MET A 233 -13.73 -28.74 -3.64
N VAL A 234 -13.27 -27.45 -3.76
CA VAL A 234 -13.42 -26.67 -4.99
C VAL A 234 -12.57 -27.33 -6.09
N SER A 235 -11.31 -27.66 -5.78
CA SER A 235 -10.44 -28.30 -6.81
C SER A 235 -11.08 -29.57 -7.38
N ARG A 236 -11.70 -30.39 -6.50
CA ARG A 236 -12.38 -31.62 -6.89
C ARG A 236 -13.58 -31.30 -7.78
N LEU A 237 -14.37 -30.26 -7.43
CA LEU A 237 -15.53 -29.85 -8.22
C LEU A 237 -15.14 -29.45 -9.63
N LEU A 238 -14.14 -28.57 -9.74
CA LEU A 238 -13.66 -28.03 -11.02
C LEU A 238 -13.04 -29.12 -11.91
N LEU A 239 -12.36 -30.10 -11.32
CA LEU A 239 -11.81 -31.24 -12.08
C LEU A 239 -12.91 -32.13 -12.62
N ASN A 240 -13.96 -32.37 -11.81
CA ASN A 240 -15.07 -33.22 -12.24
C ASN A 240 -15.90 -32.56 -13.35
N ARG A 241 -15.92 -31.20 -13.40
CA ARG A 241 -16.64 -30.49 -14.45
C ARG A 241 -15.96 -30.62 -15.83
N PHE A 242 -14.72 -31.15 -15.89
CA PHE A 242 -14.05 -31.41 -17.17
C PHE A 242 -14.52 -32.72 -17.77
N THR A 243 -14.92 -33.69 -16.90
CA THR A 243 -15.22 -35.09 -17.25
C THR A 243 -16.59 -35.30 -17.93
N MET A 244 -17.55 -34.40 -17.70
CA MET A 244 -18.80 -34.60 -18.41
C MET A 244 -19.05 -33.52 -19.45
N THR A 245 -20.00 -33.78 -20.35
CA THR A 245 -20.54 -32.88 -21.36
C THR A 245 -21.11 -31.60 -20.64
N HIS A 246 -21.07 -30.45 -21.33
CA HIS A 246 -21.53 -29.16 -20.84
C HIS A 246 -22.90 -29.15 -20.25
N ARG A 247 -23.01 -28.80 -18.97
CA ARG A 247 -24.32 -28.69 -18.36
C ARG A 247 -24.66 -27.20 -18.37
N ARG A 248 -25.79 -26.82 -18.96
CA ARG A 248 -26.14 -25.40 -19.04
C ARG A 248 -26.26 -24.77 -17.67
N PRO A 249 -25.85 -23.50 -17.55
CA PRO A 249 -25.88 -22.87 -16.23
C PRO A 249 -27.29 -22.68 -15.69
N THR A 250 -27.43 -22.69 -14.36
CA THR A 250 -28.72 -22.44 -13.70
C THR A 250 -28.92 -20.90 -13.81
N ILE A 251 -29.96 -20.49 -14.52
CA ILE A 251 -30.23 -19.07 -14.75
C ILE A 251 -31.17 -18.55 -13.67
N GLU A 252 -30.76 -17.45 -13.03
CA GLU A 252 -31.49 -16.81 -11.93
C GLU A 252 -31.76 -15.38 -12.32
N LYS A 253 -32.73 -14.74 -11.66
CA LYS A 253 -33.05 -13.33 -11.88
C LYS A 253 -31.91 -12.46 -11.35
N ASP A 254 -31.61 -11.41 -12.07
CA ASP A 254 -30.62 -10.45 -11.64
C ASP A 254 -31.28 -9.49 -10.61
N VAL A 255 -30.44 -8.80 -9.84
CA VAL A 255 -30.88 -7.90 -8.78
C VAL A 255 -31.58 -6.66 -9.30
N ASP A 256 -32.62 -6.22 -8.60
CA ASP A 256 -33.27 -4.95 -8.86
C ASP A 256 -32.75 -4.05 -7.72
N LEU A 257 -31.92 -3.03 -8.05
CA LEU A 257 -31.34 -2.14 -7.05
C LEU A 257 -32.19 -0.88 -6.80
N GLY A 258 -33.38 -0.86 -7.37
CA GLY A 258 -34.35 0.22 -7.18
C GLY A 258 -33.90 1.62 -7.60
N ALA A 259 -34.42 2.61 -6.91
CA ALA A 259 -34.14 4.00 -7.19
C ALA A 259 -34.34 4.76 -5.90
N GLY A 260 -34.03 6.04 -5.92
CA GLY A 260 -34.23 6.89 -4.76
C GLY A 260 -33.01 7.05 -3.88
N THR A 261 -33.04 8.13 -3.12
CA THR A 261 -32.01 8.55 -2.19
C THR A 261 -32.26 7.92 -0.81
N ARG A 262 -31.24 7.95 0.06
CA ARG A 262 -31.30 7.41 1.41
C ARG A 262 -31.00 8.53 2.41
N GLU B 7 23.07 -14.95 9.25
CA GLU B 7 23.57 -13.60 9.01
C GLU B 7 22.98 -13.01 7.71
N THR B 8 22.47 -11.78 7.81
CA THR B 8 21.81 -11.09 6.69
C THR B 8 22.81 -10.53 5.68
N LEU B 9 22.32 -10.25 4.45
CA LEU B 9 23.12 -9.63 3.40
C LEU B 9 23.60 -8.26 3.88
N GLY B 10 22.72 -7.55 4.59
CA GLY B 10 23.03 -6.23 5.13
C GLY B 10 24.17 -6.27 6.15
N GLU B 11 24.23 -7.34 6.98
CA GLU B 11 25.32 -7.51 7.95
C GLU B 11 26.65 -7.72 7.22
N LYS B 12 26.62 -8.42 6.08
CA LYS B 12 27.78 -8.69 5.24
C LYS B 12 28.26 -7.37 4.61
N TRP B 13 27.31 -6.51 4.18
CA TRP B 13 27.62 -5.20 3.62
C TRP B 13 28.31 -4.32 4.68
N LYS B 14 27.77 -4.34 5.91
CA LYS B 14 28.30 -3.56 7.02
C LYS B 14 29.73 -3.98 7.37
N LYS B 15 30.02 -5.30 7.40
CA LYS B 15 31.38 -5.81 7.67
C LYS B 15 32.34 -5.27 6.62
N LYS B 16 31.95 -5.36 5.33
CA LYS B 16 32.73 -4.89 4.19
C LYS B 16 32.97 -3.39 4.30
N LEU B 17 31.91 -2.60 4.63
CA LEU B 17 32.02 -1.15 4.76
C LEU B 17 33.05 -0.80 5.86
N ASN B 18 32.98 -1.50 7.00
CA ASN B 18 33.89 -1.28 8.14
C ASN B 18 35.34 -1.63 7.84
N GLN B 19 35.60 -2.53 6.88
CA GLN B 19 36.94 -2.95 6.47
C GLN B 19 37.62 -1.93 5.53
N LEU B 20 36.85 -0.98 4.97
CA LEU B 20 37.44 0.01 4.05
C LEU B 20 38.35 1.01 4.71
N SER B 21 39.42 1.38 3.99
CA SER B 21 40.35 2.42 4.41
C SER B 21 39.58 3.73 4.16
N ARG B 22 40.04 4.84 4.72
CA ARG B 22 39.34 6.13 4.48
C ARG B 22 39.29 6.46 2.99
N LYS B 23 40.37 6.15 2.22
CA LYS B 23 40.42 6.38 0.77
C LYS B 23 39.31 5.60 0.05
N GLU B 24 39.23 4.29 0.31
CA GLU B 24 38.22 3.37 -0.24
C GLU B 24 36.79 3.79 0.11
N PHE B 25 36.56 4.19 1.39
CA PHE B 25 35.26 4.62 1.93
C PHE B 25 34.79 5.88 1.17
N ASP B 26 35.69 6.85 1.00
CA ASP B 26 35.40 8.12 0.32
C ASP B 26 35.00 7.95 -1.15
N LEU B 27 35.61 6.97 -1.84
CA LEU B 27 35.27 6.67 -3.23
C LEU B 27 33.92 5.95 -3.26
N TYR B 28 33.76 4.98 -2.35
CA TYR B 28 32.56 4.15 -2.26
C TYR B 28 31.26 4.89 -1.97
N LYS B 29 31.24 5.73 -0.92
CA LYS B 29 30.06 6.41 -0.40
C LYS B 29 29.22 7.16 -1.44
N LYS B 30 29.84 7.68 -2.52
CA LYS B 30 29.08 8.42 -3.52
C LYS B 30 29.03 7.70 -4.89
N SER B 31 29.63 6.51 -5.00
CA SER B 31 29.63 5.77 -6.26
C SER B 31 28.22 5.44 -6.80
N GLY B 32 27.86 6.03 -7.94
CA GLY B 32 26.59 5.77 -8.60
C GLY B 32 25.37 6.40 -7.96
N ILE B 33 25.56 7.24 -6.93
CA ILE B 33 24.42 7.85 -6.24
C ILE B 33 23.96 9.09 -6.98
N THR B 34 22.83 9.63 -6.55
CA THR B 34 22.35 10.89 -7.10
C THR B 34 22.62 11.92 -5.99
N GLU B 35 23.09 13.11 -6.37
CA GLU B 35 23.28 14.18 -5.41
C GLU B 35 23.00 15.53 -6.03
N VAL B 36 22.53 16.46 -5.20
CA VAL B 36 22.29 17.83 -5.59
C VAL B 36 23.56 18.66 -5.42
N ASP B 37 23.74 19.66 -6.26
CA ASP B 37 24.87 20.56 -6.20
C ASP B 37 24.54 21.63 -5.16
N ARG B 38 25.18 21.53 -4.01
CA ARG B 38 24.98 22.45 -2.89
C ARG B 38 25.93 23.66 -2.91
N THR B 39 26.75 23.83 -3.98
CA THR B 39 27.75 24.92 -4.08
C THR B 39 27.12 26.32 -3.85
N GLU B 40 26.09 26.69 -4.65
CA GLU B 40 25.44 27.99 -4.50
C GLU B 40 24.74 28.17 -3.14
N ALA B 41 24.05 27.11 -2.66
CA ALA B 41 23.31 27.14 -1.39
C ALA B 41 24.25 27.29 -0.19
N LYS B 42 25.34 26.53 -0.11
CA LYS B 42 26.36 26.64 0.93
C LYS B 42 26.95 28.09 1.01
N GLU B 43 27.27 28.72 -0.16
CA GLU B 43 27.84 30.08 -0.22
C GLU B 43 26.77 31.09 0.20
N GLY B 44 25.52 30.88 -0.24
CA GLY B 44 24.40 31.74 0.11
C GLY B 44 24.13 31.73 1.59
N LEU B 45 24.07 30.54 2.17
CA LEU B 45 23.84 30.39 3.61
C LEU B 45 24.93 31.02 4.48
N LYS B 46 26.20 30.95 4.02
CA LYS B 46 27.40 31.56 4.63
C LYS B 46 27.19 33.08 4.65
N ARG B 47 26.67 33.63 3.53
CA ARG B 47 26.41 35.06 3.38
C ARG B 47 25.19 35.56 4.21
N GLY B 48 24.47 34.63 4.82
CA GLY B 48 23.28 34.91 5.63
C GLY B 48 22.02 35.10 4.79
N GLU B 49 22.00 34.56 3.56
CA GLU B 49 20.84 34.66 2.64
C GLU B 49 19.69 33.77 3.15
N THR B 50 18.47 34.31 3.17
CA THR B 50 17.32 33.55 3.72
C THR B 50 16.26 33.16 2.71
N THR B 51 16.46 33.45 1.44
CA THR B 51 15.48 33.09 0.41
C THR B 51 16.10 32.11 -0.58
N HIS B 52 15.25 31.31 -1.24
CA HIS B 52 15.56 30.35 -2.30
C HIS B 52 16.31 29.11 -1.82
N HIS B 53 17.37 29.27 -1.01
CA HIS B 53 18.18 28.13 -0.58
C HIS B 53 17.50 27.15 0.35
N ALA B 54 17.80 25.86 0.16
CA ALA B 54 17.41 24.83 1.08
C ALA B 54 18.55 24.85 2.13
N VAL B 55 18.18 24.69 3.40
CA VAL B 55 19.14 24.74 4.53
C VAL B 55 20.04 23.50 4.61
N SER B 56 19.66 22.43 3.90
CA SER B 56 20.43 21.18 3.94
C SER B 56 20.13 20.37 2.68
N ARG B 57 20.78 19.19 2.53
CA ARG B 57 20.46 18.28 1.41
C ARG B 57 19.08 17.61 1.61
N GLY B 58 18.51 17.75 2.81
CA GLY B 58 17.25 17.16 3.21
C GLY B 58 16.07 17.57 2.35
N SER B 59 15.98 18.88 1.97
CA SER B 59 14.84 19.32 1.13
C SER B 59 14.76 18.54 -0.16
N ALA B 60 15.90 18.36 -0.87
CA ALA B 60 15.86 17.58 -2.09
C ALA B 60 15.53 16.09 -1.81
N LYS B 61 16.02 15.56 -0.66
CA LYS B 61 15.77 14.15 -0.32
C LYS B 61 14.28 13.89 -0.12
N LEU B 62 13.59 14.79 0.60
CA LEU B 62 12.16 14.61 0.80
C LEU B 62 11.41 14.86 -0.51
N GLN B 63 11.84 15.90 -1.28
CA GLN B 63 11.23 16.18 -2.57
C GLN B 63 11.18 14.91 -3.45
N TRP B 64 12.23 14.10 -3.41
CA TRP B 64 12.26 12.86 -4.22
C TRP B 64 11.03 11.96 -3.94
N PHE B 65 10.72 11.79 -2.65
CA PHE B 65 9.54 11.02 -2.23
C PHE B 65 8.22 11.71 -2.60
N VAL B 66 8.10 13.02 -2.33
CA VAL B 66 6.88 13.79 -2.55
C VAL B 66 6.51 13.83 -4.02
N GLU B 67 7.51 14.04 -4.90
CA GLU B 67 7.25 14.06 -6.35
C GLU B 67 6.76 12.71 -6.90
N ARG B 68 7.02 11.61 -6.16
CA ARG B 68 6.58 10.23 -6.55
C ARG B 68 5.34 9.77 -5.76
N ASN B 69 4.70 10.71 -5.03
CA ASN B 69 3.49 10.44 -4.24
C ASN B 69 3.64 9.34 -3.15
N MET B 70 4.90 9.11 -2.71
CA MET B 70 5.22 8.14 -1.64
C MET B 70 4.76 8.63 -0.28
N VAL B 71 4.77 9.96 -0.13
CA VAL B 71 4.22 10.66 1.01
C VAL B 71 3.67 11.93 0.43
N ILE B 72 2.47 12.28 0.86
CA ILE B 72 1.80 13.44 0.35
C ILE B 72 1.54 14.36 1.51
N PRO B 73 2.50 15.31 1.79
CA PRO B 73 2.32 16.22 2.92
C PRO B 73 1.06 17.07 2.78
N GLU B 74 0.31 17.15 3.88
CA GLU B 74 -0.93 17.89 3.90
C GLU B 74 -1.27 18.29 5.33
N GLY B 75 -2.07 19.34 5.45
CA GLY B 75 -2.56 19.82 6.74
C GLY B 75 -1.44 20.12 7.71
N ARG B 76 -1.58 19.61 8.93
CA ARG B 76 -0.64 19.80 10.02
C ARG B 76 0.44 18.76 9.87
N VAL B 77 1.67 19.23 9.58
CA VAL B 77 2.86 18.37 9.42
C VAL B 77 3.69 18.43 10.70
N ILE B 78 4.07 17.28 11.23
CA ILE B 78 4.96 17.18 12.39
C ILE B 78 6.28 16.65 11.83
N ASP B 79 7.39 17.40 12.05
CA ASP B 79 8.70 16.99 11.56
C ASP B 79 9.61 16.70 12.74
N LEU B 80 9.77 15.41 13.05
CA LEU B 80 10.58 14.92 14.17
C LEU B 80 12.04 14.78 13.74
N GLY B 81 12.91 15.42 14.52
CA GLY B 81 14.34 15.50 14.23
C GLY B 81 14.53 16.44 13.05
N CYS B 82 13.98 17.67 13.18
CA CYS B 82 14.00 18.60 12.07
C CYS B 82 15.40 19.12 11.71
N GLY B 83 16.35 19.07 12.66
CA GLY B 83 17.69 19.61 12.46
C GLY B 83 17.62 21.06 12.01
N ARG B 84 18.30 21.37 10.91
CA ARG B 84 18.34 22.70 10.32
C ARG B 84 16.98 23.15 9.76
N GLY B 85 16.17 22.17 9.38
CA GLY B 85 14.81 22.39 8.91
C GLY B 85 14.54 22.06 7.45
N GLY B 86 15.41 21.28 6.81
CA GLY B 86 15.26 20.94 5.39
C GLY B 86 13.92 20.38 4.98
N TRP B 87 13.37 19.44 5.76
CA TRP B 87 12.06 18.86 5.41
C TRP B 87 10.93 19.86 5.70
N SER B 88 11.02 20.58 6.81
CA SER B 88 10.01 21.56 7.22
C SER B 88 9.85 22.70 6.24
N TYR B 89 10.97 23.30 5.79
CA TYR B 89 10.88 24.40 4.83
C TYR B 89 10.41 23.93 3.47
N TYR B 90 10.74 22.68 3.10
CA TYR B 90 10.24 22.13 1.84
C TYR B 90 8.70 21.97 1.94
N CYS B 91 8.20 21.33 3.03
CA CYS B 91 6.76 21.12 3.20
C CYS B 91 5.99 22.41 3.28
N ALA B 92 6.63 23.45 3.88
CA ALA B 92 5.96 24.76 4.03
C ALA B 92 5.52 25.36 2.70
N GLY B 93 6.21 25.01 1.61
CA GLY B 93 5.91 25.48 0.27
C GLY B 93 4.87 24.66 -0.50
N LEU B 94 4.32 23.60 0.11
CA LEU B 94 3.37 22.73 -0.60
C LEU B 94 1.92 23.18 -0.40
N LYS B 95 1.13 23.26 -1.48
CA LYS B 95 -0.27 23.77 -1.45
C LYS B 95 -1.15 23.18 -0.32
N LYS B 96 -1.15 21.86 -0.16
CA LYS B 96 -1.97 21.13 0.82
C LYS B 96 -1.56 21.27 2.30
N VAL B 97 -0.33 21.69 2.55
CA VAL B 97 0.24 21.88 3.90
C VAL B 97 -0.28 23.20 4.48
N THR B 98 -0.73 23.18 5.74
CA THR B 98 -1.27 24.38 6.41
C THR B 98 -0.44 24.82 7.60
N GLU B 99 0.31 23.88 8.20
CA GLU B 99 1.12 24.17 9.37
C GLU B 99 2.24 23.15 9.41
N VAL B 100 3.45 23.61 9.79
CA VAL B 100 4.62 22.73 9.92
C VAL B 100 5.20 22.94 11.32
N ARG B 101 5.24 21.87 12.12
N ARG B 101 5.22 21.89 12.15
CA ARG B 101 5.77 21.90 13.48
CA ARG B 101 5.81 21.98 13.49
C ARG B 101 6.99 20.97 13.52
C ARG B 101 6.96 21.00 13.60
N GLY B 102 8.17 21.55 13.64
CA GLY B 102 9.42 20.79 13.69
C GLY B 102 9.98 20.75 15.09
N TYR B 103 10.61 19.64 15.45
CA TYR B 103 11.17 19.50 16.79
C TYR B 103 12.54 18.88 16.65
N THR B 104 13.55 19.43 17.35
CA THR B 104 14.90 18.90 17.27
C THR B 104 15.63 19.06 18.61
N LYS B 105 16.61 18.21 18.85
CA LYS B 105 17.39 18.19 20.08
C LYS B 105 18.28 19.40 20.24
N GLY B 106 19.13 19.65 19.24
CA GLY B 106 20.09 20.76 19.29
C GLY B 106 21.11 20.50 20.37
N GLY B 107 21.87 21.53 20.71
CA GLY B 107 22.91 21.48 21.73
C GLY B 107 24.21 20.95 21.18
N PRO B 108 25.18 20.58 22.05
CA PRO B 108 26.47 20.07 21.54
C PRO B 108 26.33 18.85 20.66
N GLY B 109 27.00 18.92 19.51
CA GLY B 109 27.04 17.87 18.49
C GLY B 109 25.80 17.72 17.63
N HIS B 110 24.74 18.53 17.87
CA HIS B 110 23.49 18.46 17.13
C HIS B 110 23.18 19.73 16.35
N GLU B 111 22.47 19.61 15.21
CA GLU B 111 22.16 20.77 14.39
C GLU B 111 21.07 21.62 15.03
N GLU B 112 21.20 22.93 14.86
CA GLU B 112 20.18 23.85 15.35
C GLU B 112 19.27 24.28 14.16
N PRO B 113 17.94 24.53 14.37
CA PRO B 113 17.10 25.07 13.28
C PRO B 113 17.68 26.36 12.74
N VAL B 114 17.65 26.51 11.41
CA VAL B 114 18.16 27.70 10.73
C VAL B 114 16.93 28.55 10.37
N PRO B 115 16.83 29.82 10.79
CA PRO B 115 15.67 30.62 10.42
C PRO B 115 15.76 30.97 8.94
N MET B 116 14.67 30.78 8.19
CA MET B 116 14.63 31.08 6.76
C MET B 116 13.44 31.91 6.39
N SER B 117 13.47 32.51 5.18
CA SER B 117 12.42 33.33 4.59
C SER B 117 11.99 32.77 3.24
N THR B 118 12.16 31.44 3.08
CA THR B 118 11.76 30.71 1.89
C THR B 118 10.23 30.67 1.82
N TYR B 119 9.66 30.30 0.66
CA TYR B 119 8.21 30.30 0.49
C TYR B 119 7.46 29.54 1.58
N GLY B 120 6.53 30.22 2.25
CA GLY B 120 5.70 29.63 3.31
C GLY B 120 6.34 29.55 4.70
N TRP B 121 7.47 30.22 4.88
CA TRP B 121 8.19 30.24 6.17
C TRP B 121 7.30 30.55 7.36
N ASN B 122 6.27 31.39 7.18
CA ASN B 122 5.38 31.84 8.27
C ASN B 122 4.51 30.73 8.89
N ILE B 123 4.33 29.62 8.17
CA ILE B 123 3.53 28.51 8.70
C ILE B 123 4.44 27.45 9.41
N VAL B 124 5.73 27.75 9.52
CA VAL B 124 6.73 26.87 10.14
C VAL B 124 7.08 27.33 11.56
N LYS B 125 7.16 26.38 12.49
CA LYS B 125 7.67 26.63 13.83
C LYS B 125 8.65 25.51 14.10
N LEU B 126 9.94 25.88 14.22
CA LEU B 126 11.00 24.92 14.53
C LEU B 126 11.38 25.13 15.97
N MET B 127 11.30 24.07 16.78
CA MET B 127 11.62 24.14 18.20
C MET B 127 12.85 23.30 18.52
N SER B 128 13.91 23.93 19.08
CA SER B 128 15.12 23.18 19.44
C SER B 128 15.02 22.88 20.95
N GLY B 129 15.93 22.05 21.46
CA GLY B 129 15.94 21.67 22.88
C GLY B 129 14.77 20.74 23.19
N LYS B 130 14.35 19.97 22.16
CA LYS B 130 13.21 19.06 22.26
C LYS B 130 13.63 17.65 21.89
N ASP B 131 13.82 16.80 22.89
CA ASP B 131 14.18 15.40 22.67
C ASP B 131 12.85 14.71 22.37
N VAL B 132 12.63 14.26 21.11
CA VAL B 132 11.37 13.64 20.71
C VAL B 132 11.00 12.36 21.52
N PHE B 133 11.97 11.70 22.17
CA PHE B 133 11.70 10.54 22.99
C PHE B 133 10.92 10.88 24.28
N TYR B 134 10.77 12.19 24.57
CA TYR B 134 10.05 12.71 25.74
C TYR B 134 8.91 13.66 25.30
N LEU B 135 8.67 13.81 23.97
CA LEU B 135 7.61 14.65 23.36
C LEU B 135 6.30 13.85 23.35
N PRO B 136 5.18 14.26 24.01
CA PRO B 136 3.94 13.44 23.95
C PRO B 136 3.35 13.46 22.55
N PRO B 137 2.76 12.35 22.05
CA PRO B 137 2.23 12.36 20.68
C PRO B 137 1.05 13.29 20.52
N GLU B 138 0.78 13.69 19.28
CA GLU B 138 -0.28 14.65 18.97
C GLU B 138 -1.00 14.29 17.69
N LYS B 139 -2.17 14.91 17.46
CA LYS B 139 -2.91 14.69 16.21
C LYS B 139 -2.30 15.55 15.10
N CYS B 140 -1.88 14.89 14.02
CA CYS B 140 -1.30 15.52 12.85
C CYS B 140 -1.76 14.76 11.62
N ASP B 141 -1.73 15.43 10.47
CA ASP B 141 -2.12 14.85 9.18
C ASP B 141 -0.93 14.24 8.46
N THR B 142 0.30 14.70 8.78
CA THR B 142 1.55 14.21 8.21
C THR B 142 2.59 14.06 9.32
N LEU B 143 3.17 12.86 9.42
CA LEU B 143 4.19 12.61 10.42
C LEU B 143 5.49 12.32 9.68
N LEU B 144 6.48 13.18 9.86
CA LEU B 144 7.81 12.99 9.28
C LEU B 144 8.80 12.72 10.41
N CYS B 145 9.77 11.80 10.16
CA CYS B 145 10.79 11.53 11.16
C CYS B 145 12.07 11.20 10.43
N ASP B 146 13.14 11.92 10.72
CA ASP B 146 14.42 11.69 10.04
C ASP B 146 15.53 11.39 11.03
N ILE B 147 15.19 10.76 12.16
CA ILE B 147 16.15 10.45 13.23
C ILE B 147 16.81 9.08 13.03
N GLY B 148 18.10 8.97 13.36
CA GLY B 148 18.84 7.71 13.31
C GLY B 148 20.32 7.93 13.12
N GLU B 149 21.10 7.84 14.21
CA GLU B 149 22.54 8.08 14.21
C GLU B 149 23.33 6.84 13.80
N SER B 150 24.10 6.93 12.70
CA SER B 150 24.96 5.83 12.24
C SER B 150 26.03 5.43 13.27
N SER B 151 26.45 4.16 13.22
CA SER B 151 27.45 3.61 14.11
C SER B 151 28.16 2.49 13.38
N PRO B 152 29.49 2.27 13.60
CA PRO B 152 30.15 1.10 12.97
C PRO B 152 29.56 -0.23 13.47
N SER B 153 28.90 -0.21 14.64
CA SER B 153 28.30 -1.40 15.25
C SER B 153 26.88 -1.55 14.73
N PRO B 154 26.54 -2.68 14.04
CA PRO B 154 25.16 -2.84 13.61
C PRO B 154 24.19 -3.09 14.79
N THR B 155 24.67 -3.69 15.91
CA THR B 155 23.87 -3.92 17.14
C THR B 155 23.46 -2.58 17.80
N VAL B 156 24.37 -1.58 17.78
CA VAL B 156 24.08 -0.22 18.25
C VAL B 156 23.00 0.39 17.33
N GLU B 157 23.17 0.28 16.01
CA GLU B 157 22.18 0.82 15.06
C GLU B 157 20.82 0.15 15.18
N GLU B 158 20.80 -1.18 15.45
CA GLU B 158 19.60 -2.00 15.68
C GLU B 158 18.82 -1.43 16.87
N SER B 159 19.54 -1.18 17.99
CA SER B 159 18.98 -0.59 19.19
C SER B 159 18.39 0.81 18.89
N ARG B 160 19.16 1.68 18.21
CA ARG B 160 18.70 3.05 17.87
C ARG B 160 17.46 3.06 16.98
N THR B 161 17.42 2.14 16.01
CA THR B 161 16.30 2.05 15.05
C THR B 161 15.01 1.62 15.76
N ILE B 162 15.07 0.54 16.56
CA ILE B 162 13.94 0.01 17.32
C ILE B 162 13.37 1.12 18.25
N ARG B 163 14.26 1.91 18.87
CA ARG B 163 13.88 3.01 19.75
C ARG B 163 13.00 4.03 18.99
N VAL B 164 13.47 4.46 17.81
CA VAL B 164 12.72 5.35 16.91
C VAL B 164 11.36 4.70 16.51
N LEU B 165 11.38 3.41 16.13
CA LEU B 165 10.16 2.68 15.72
C LEU B 165 9.10 2.60 16.84
N LYS B 166 9.50 2.43 18.11
CA LYS B 166 8.55 2.41 19.22
C LYS B 166 8.05 3.82 19.56
N MET B 167 8.90 4.84 19.33
CA MET B 167 8.56 6.24 19.57
C MET B 167 7.55 6.77 18.53
N VAL B 168 7.74 6.44 17.24
CA VAL B 168 6.84 6.95 16.19
C VAL B 168 5.43 6.32 16.19
N GLU B 169 5.31 5.01 16.52
CA GLU B 169 4.03 4.30 16.45
C GLU B 169 2.83 5.08 17.04
N PRO B 170 2.85 5.64 18.28
CA PRO B 170 1.68 6.38 18.78
C PRO B 170 1.35 7.68 18.03
N TRP B 171 2.26 8.15 17.16
CA TRP B 171 2.03 9.35 16.34
C TRP B 171 1.23 8.98 15.07
N LEU B 172 1.18 7.70 14.75
CA LEU B 172 0.55 7.17 13.54
C LEU B 172 -0.90 6.75 13.73
N LYS B 173 -1.81 7.48 13.09
CA LYS B 173 -3.28 7.29 13.16
C LYS B 173 -3.89 7.67 11.80
N ASN B 174 -3.89 6.71 10.84
CA ASN B 174 -4.44 6.90 9.47
C ASN B 174 -3.97 8.22 8.80
N ASN B 175 -2.72 8.57 9.02
CA ASN B 175 -2.18 9.81 8.46
C ASN B 175 -1.03 9.50 7.49
N GLN B 176 -0.56 10.55 6.81
CA GLN B 176 0.56 10.42 5.88
C GLN B 176 1.82 10.30 6.71
N PHE B 177 2.81 9.49 6.26
CA PHE B 177 4.05 9.43 7.02
C PHE B 177 5.27 9.11 6.14
N CYS B 178 6.46 9.44 6.65
CA CYS B 178 7.79 9.19 6.05
C CYS B 178 8.77 9.18 7.20
N ILE B 179 9.28 7.99 7.50
CA ILE B 179 10.10 7.77 8.70
C ILE B 179 11.36 7.07 8.31
N LYS B 180 12.50 7.66 8.70
CA LYS B 180 13.79 7.02 8.44
C LYS B 180 13.94 5.75 9.29
N VAL B 181 14.38 4.69 8.62
CA VAL B 181 14.71 3.43 9.28
C VAL B 181 16.22 3.26 9.04
N LEU B 182 17.02 3.65 10.03
CA LEU B 182 18.49 3.69 9.98
C LEU B 182 19.10 2.36 9.55
N ASN B 183 18.73 1.30 10.27
CA ASN B 183 19.25 -0.04 10.01
C ASN B 183 18.03 -0.92 9.83
N PRO B 184 17.58 -1.11 8.58
CA PRO B 184 16.37 -1.91 8.35
C PRO B 184 16.64 -3.40 8.14
N TYR B 185 17.92 -3.82 8.16
CA TYR B 185 18.30 -5.21 7.81
C TYR B 185 18.47 -6.18 8.99
N MET B 186 18.54 -5.67 10.22
CA MET B 186 18.71 -6.54 11.38
C MET B 186 17.42 -7.34 11.62
N PRO B 187 17.49 -8.67 11.85
CA PRO B 187 16.28 -9.47 12.05
C PRO B 187 15.25 -8.92 13.02
N THR B 188 15.69 -8.34 14.16
CA THR B 188 14.75 -7.78 15.14
C THR B 188 14.05 -6.53 14.59
N VAL B 189 14.75 -5.71 13.76
CA VAL B 189 14.14 -4.54 13.13
C VAL B 189 13.08 -5.00 12.13
N ILE B 190 13.39 -6.04 11.34
CA ILE B 190 12.49 -6.56 10.29
C ILE B 190 11.19 -7.06 10.94
N GLU B 191 11.30 -7.73 12.10
CA GLU B 191 10.17 -8.22 12.90
C GLU B 191 9.26 -7.07 13.31
N HIS B 192 9.84 -5.97 13.81
CA HIS B 192 9.11 -4.76 14.21
C HIS B 192 8.44 -4.12 13.00
N LEU B 193 9.18 -3.95 11.89
CA LEU B 193 8.66 -3.40 10.64
C LEU B 193 7.49 -4.23 10.09
N GLU B 194 7.60 -5.55 10.09
CA GLU B 194 6.54 -6.45 9.64
C GLU B 194 5.27 -6.27 10.47
N ARG B 195 5.44 -6.08 11.81
CA ARG B 195 4.33 -5.91 12.74
C ARG B 195 3.71 -4.54 12.45
N LEU B 196 4.56 -3.50 12.32
CA LEU B 196 4.11 -2.14 12.05
C LEU B 196 3.37 -2.03 10.71
N GLN B 197 3.87 -2.69 9.66
CA GLN B 197 3.25 -2.68 8.34
C GLN B 197 1.89 -3.42 8.34
N ARG B 198 1.73 -4.49 9.18
CA ARG B 198 0.46 -5.21 9.29
C ARG B 198 -0.63 -4.30 9.89
N LYS B 199 -0.25 -3.33 10.74
CA LYS B 199 -1.14 -2.40 11.44
C LYS B 199 -1.39 -1.09 10.69
N HIS B 200 -0.31 -0.40 10.26
CA HIS B 200 -0.34 0.92 9.64
C HIS B 200 -0.13 0.91 8.14
N GLY B 201 0.19 -0.25 7.56
CA GLY B 201 0.45 -0.37 6.13
C GLY B 201 1.73 0.31 5.72
N GLY B 202 1.76 0.83 4.50
CA GLY B 202 2.96 1.47 3.98
C GLY B 202 4.03 0.50 3.52
N MET B 203 5.19 1.05 3.13
N MET B 203 5.20 1.03 3.15
CA MET B 203 6.28 0.24 2.59
CA MET B 203 6.31 0.18 2.72
C MET B 203 7.63 0.90 2.83
C MET B 203 7.63 0.87 2.92
N LEU B 204 8.72 0.10 2.78
CA LEU B 204 10.08 0.58 2.94
C LEU B 204 10.66 0.89 1.56
N VAL B 205 11.22 2.11 1.39
CA VAL B 205 11.74 2.57 0.10
C VAL B 205 13.15 3.12 0.26
N ARG B 206 14.00 2.85 -0.71
CA ARG B 206 15.37 3.35 -0.76
C ARG B 206 15.43 4.64 -1.57
N ASN B 207 15.97 5.70 -0.97
CA ASN B 207 16.06 6.98 -1.70
C ASN B 207 17.41 7.05 -2.45
N PRO B 208 17.45 7.35 -3.78
CA PRO B 208 18.74 7.35 -4.54
C PRO B 208 19.72 8.47 -4.16
N LEU B 209 19.24 9.45 -3.34
CA LEU B 209 20.06 10.53 -2.80
C LEU B 209 20.78 10.08 -1.53
N SER B 210 20.45 8.86 -1.03
CA SER B 210 21.16 8.34 0.15
C SER B 210 22.55 7.91 -0.31
N ARG B 211 23.55 8.11 0.56
CA ARG B 211 24.92 7.67 0.24
C ARG B 211 25.01 6.16 0.40
N ASN B 212 25.99 5.49 -0.25
CA ASN B 212 26.15 4.02 -0.12
C ASN B 212 26.64 3.56 1.25
N SER B 213 27.16 4.51 2.02
CA SER B 213 27.71 4.33 3.36
C SER B 213 26.62 4.16 4.43
N THR B 214 25.35 4.24 4.05
CA THR B 214 24.22 4.02 4.94
C THR B 214 23.22 3.09 4.24
N HIS B 215 22.62 2.18 4.99
CA HIS B 215 21.61 1.27 4.48
C HIS B 215 20.21 1.84 4.83
N GLU B 216 20.13 3.15 5.15
CA GLU B 216 18.85 3.72 5.56
C GLU B 216 17.77 3.57 4.49
N MET B 217 16.58 3.26 4.93
CA MET B 217 15.41 3.19 4.04
C MET B 217 14.32 3.99 4.75
N TYR B 218 13.27 4.36 4.03
CA TYR B 218 12.24 5.18 4.64
C TYR B 218 10.95 4.43 4.60
N TRP B 219 10.25 4.40 5.72
CA TRP B 219 8.94 3.78 5.80
C TRP B 219 7.96 4.90 5.40
N ILE B 220 7.35 4.74 4.22
CA ILE B 220 6.42 5.70 3.60
C ILE B 220 4.98 5.14 3.66
N SER B 221 3.98 6.02 3.83
CA SER B 221 2.59 5.56 4.04
C SER B 221 1.91 5.07 2.78
N ASN B 222 2.31 5.59 1.60
CA ASN B 222 1.60 5.23 0.37
C ASN B 222 2.30 4.11 -0.41
N GLY B 223 2.12 2.88 0.06
CA GLY B 223 2.70 1.71 -0.62
C GLY B 223 2.49 0.41 0.10
N THR B 224 2.79 -0.68 -0.57
CA THR B 224 2.67 -2.04 -0.03
C THR B 224 3.87 -2.80 -0.53
N GLY B 225 4.02 -4.03 -0.08
CA GLY B 225 5.10 -4.87 -0.58
C GLY B 225 5.84 -5.65 0.49
N ASN B 226 6.74 -6.51 0.06
CA ASN B 226 7.48 -7.39 0.93
C ASN B 226 8.68 -6.63 1.48
N ILE B 227 8.68 -6.35 2.80
CA ILE B 227 9.75 -5.62 3.48
C ILE B 227 11.08 -6.35 3.29
N VAL B 228 11.08 -7.66 3.54
CA VAL B 228 12.30 -8.47 3.43
C VAL B 228 12.93 -8.36 2.05
N SER B 229 12.13 -8.46 0.98
CA SER B 229 12.61 -8.38 -0.40
C SER B 229 13.14 -6.98 -0.71
N SER B 230 12.43 -5.93 -0.30
CA SER B 230 12.91 -4.56 -0.54
C SER B 230 14.24 -4.30 0.17
N VAL B 231 14.40 -4.85 1.39
CA VAL B 231 15.62 -4.70 2.20
C VAL B 231 16.79 -5.41 1.52
N ASN B 232 16.58 -6.69 1.17
CA ASN B 232 17.60 -7.50 0.48
C ASN B 232 18.03 -6.91 -0.86
N MET B 233 17.13 -6.30 -1.61
N MET B 233 17.10 -6.30 -1.59
CA MET B 233 17.54 -5.70 -2.88
CA MET B 233 17.38 -5.62 -2.87
C MET B 233 18.44 -4.46 -2.65
C MET B 233 18.40 -4.49 -2.63
N VAL B 234 18.20 -3.67 -1.58
CA VAL B 234 19.11 -2.56 -1.23
C VAL B 234 20.48 -3.16 -0.83
N SER B 235 20.47 -4.23 0.02
CA SER B 235 21.73 -4.87 0.44
C SER B 235 22.51 -5.35 -0.79
N ARG B 236 21.81 -5.91 -1.78
CA ARG B 236 22.43 -6.38 -3.03
C ARG B 236 22.99 -5.23 -3.82
N LEU B 237 22.24 -4.09 -3.92
CA LEU B 237 22.74 -2.90 -4.65
C LEU B 237 24.05 -2.39 -4.04
N LEU B 238 24.04 -2.19 -2.71
CA LEU B 238 25.18 -1.66 -1.96
C LEU B 238 26.41 -2.59 -2.01
N LEU B 239 26.20 -3.92 -2.03
CA LEU B 239 27.29 -4.89 -2.16
C LEU B 239 27.93 -4.82 -3.56
N ASN B 240 27.11 -4.75 -4.64
CA ASN B 240 27.56 -4.59 -6.02
C ASN B 240 28.38 -3.28 -6.20
N ARG B 241 27.99 -2.20 -5.50
CA ARG B 241 28.73 -0.92 -5.63
C ARG B 241 30.16 -1.00 -5.05
N PHE B 242 30.52 -2.07 -4.32
CA PHE B 242 31.90 -2.27 -3.84
C PHE B 242 32.76 -2.84 -4.97
N THR B 243 32.16 -3.65 -5.86
CA THR B 243 32.81 -4.44 -6.93
C THR B 243 33.15 -3.66 -8.21
N MET B 244 32.32 -2.67 -8.57
CA MET B 244 32.49 -1.84 -9.77
C MET B 244 33.30 -0.57 -9.46
N THR B 245 34.19 -0.10 -10.40
CA THR B 245 35.03 1.11 -10.22
C THR B 245 34.12 2.32 -9.92
N HIS B 246 34.61 3.33 -9.13
CA HIS B 246 33.84 4.51 -8.73
C HIS B 246 33.11 5.19 -9.88
N ARG B 247 31.79 5.22 -9.83
CA ARG B 247 31.02 5.92 -10.84
C ARG B 247 30.66 7.26 -10.23
N ARG B 248 31.06 8.36 -10.87
CA ARG B 248 30.77 9.69 -10.35
C ARG B 248 29.29 9.91 -10.14
N PRO B 249 28.89 10.57 -9.04
CA PRO B 249 27.47 10.75 -8.78
C PRO B 249 26.74 11.58 -9.84
N THR B 250 25.45 11.28 -10.04
CA THR B 250 24.61 12.01 -10.96
C THR B 250 24.30 13.34 -10.25
N ILE B 251 24.78 14.45 -10.81
CA ILE B 251 24.58 15.76 -10.20
C ILE B 251 23.32 16.39 -10.75
N GLU B 252 22.43 16.82 -9.83
CA GLU B 252 21.17 17.45 -10.17
C GLU B 252 21.15 18.82 -9.53
N LYS B 253 20.28 19.72 -10.03
CA LYS B 253 20.12 21.04 -9.45
C LYS B 253 19.42 20.90 -8.11
N ASP B 254 19.84 21.73 -7.15
CA ASP B 254 19.23 21.71 -5.83
C ASP B 254 17.88 22.44 -5.90
N VAL B 255 16.99 22.17 -4.93
CA VAL B 255 15.66 22.77 -4.90
C VAL B 255 15.73 24.29 -4.72
N ASP B 256 14.82 25.00 -5.40
CA ASP B 256 14.67 26.45 -5.22
C ASP B 256 13.40 26.53 -4.36
N LEU B 257 13.54 26.94 -3.09
CA LEU B 257 12.37 27.01 -2.19
C LEU B 257 11.70 28.40 -2.20
N GLY B 258 12.11 29.23 -3.12
CA GLY B 258 11.53 30.56 -3.32
C GLY B 258 11.57 31.49 -2.14
N ALA B 259 10.55 32.34 -2.06
CA ALA B 259 10.54 33.38 -1.04
C ALA B 259 9.13 33.86 -0.73
N GLY B 260 8.95 34.51 0.41
CA GLY B 260 7.70 35.12 0.80
C GLY B 260 6.77 34.32 1.70
N THR B 261 5.75 35.01 2.22
CA THR B 261 4.76 34.34 3.06
C THR B 261 3.72 33.66 2.18
N ARG B 262 2.97 32.75 2.81
CA ARG B 262 1.79 32.10 2.26
C ARG B 262 0.60 32.64 3.05
#